data_2R7P
#
_entry.id   2R7P
#
_cell.length_a   108.430
_cell.length_b   108.430
_cell.length_c   154.330
_cell.angle_alpha   90.00
_cell.angle_beta   90.00
_cell.angle_gamma   90.00
#
_symmetry.space_group_name_H-M   'I 4 2 2'
#
loop_
_entity.id
_entity.type
_entity.pdbx_description
1 polymer 'Non-structural RNA-binding protein 35'
2 non-polymer 'PHOSPHATE ION'
3 non-polymer 'PHOSPHOAMINOPHOSPHONIC ACID-ADENYLATE ESTER'
4 water water
#
_entity_poly.entity_id   1
_entity_poly.type   'polypeptide(L)'
_entity_poly.pdbx_seq_one_letter_code
;MAELACFCYPHLENDSYKFIPFNNLAIKAMLTAKVDKKDMDKFYDSIIYGIAPPPQFKKRYNTNDNSRGMNFETIMFTKV
AMLICEALNSLKVTQANVSNVLSRVVSIRHLENLVIRKENPQDILFHSKDLLLKSTLIAIGQSKEIETTITAEGGEIVFQ
NAAFTMWKLTYLEHQLMPILDQNFIEYKVTLNEDKPISDVHVKELVAELRWQYNKFAVITHGKGAYRIVKYSSVANHADR
VYATFKSNVKTGVNNDFNLLDQRIIWQNWYAFTSSMKQGNTLDVCKRLLFQKMKPEKNPFKGLSTDRKMDEVSQVGV
;
_entity_poly.pdbx_strand_id   A
#
loop_
_chem_comp.id
_chem_comp.type
_chem_comp.name
_chem_comp.formula
ANP non-polymer 'PHOSPHOAMINOPHOSPHONIC ACID-ADENYLATE ESTER' 'C10 H17 N6 O12 P3'
PO4 non-polymer 'PHOSPHATE ION' 'O4 P -3'
#
# COMPACT_ATOMS: atom_id res chain seq x y z
N ALA A 2 2.91 4.54 -8.78
CA ALA A 2 3.05 5.97 -9.22
C ALA A 2 4.12 6.73 -8.44
N GLU A 3 4.87 7.56 -9.15
CA GLU A 3 5.93 8.38 -8.59
C GLU A 3 5.31 9.55 -7.81
N LEU A 4 6.02 10.04 -6.80
CA LEU A 4 5.50 11.16 -6.05
C LEU A 4 5.50 12.40 -6.93
N ALA A 5 6.29 12.35 -8.01
CA ALA A 5 6.40 13.47 -8.95
C ALA A 5 5.14 13.64 -9.80
N CYS A 6 4.16 12.78 -9.55
CA CYS A 6 2.90 12.86 -10.26
C CYS A 6 1.97 13.80 -9.52
N PHE A 7 2.28 14.10 -8.27
CA PHE A 7 1.40 14.95 -7.48
C PHE A 7 1.94 16.32 -7.13
N CYS A 8 3.25 16.50 -7.27
CA CYS A 8 3.84 17.79 -6.92
C CYS A 8 5.20 18.01 -7.54
N TYR A 9 5.65 19.26 -7.46
CA TYR A 9 6.96 19.68 -7.97
C TYR A 9 7.73 20.43 -6.87
N PRO A 10 9.08 20.38 -6.94
CA PRO A 10 10.00 21.02 -6.00
C PRO A 10 10.05 22.54 -6.16
N HIS A 11 10.49 23.20 -5.11
CA HIS A 11 10.59 24.66 -5.14
C HIS A 11 11.49 25.16 -4.01
N LEU A 12 12.58 25.83 -4.38
CA LEU A 12 13.49 26.35 -3.38
C LEU A 12 12.98 27.62 -2.74
N GLU A 13 12.88 27.58 -1.42
CA GLU A 13 12.43 28.71 -0.62
C GLU A 13 13.33 28.77 0.60
N ASN A 14 14.44 29.48 0.45
CA ASN A 14 15.39 29.63 1.54
C ASN A 14 16.16 28.34 1.84
N ASP A 15 17.07 28.02 0.93
CA ASP A 15 17.94 26.86 1.05
C ASP A 15 17.27 25.49 1.18
N SER A 16 15.96 25.47 1.44
CA SER A 16 15.22 24.21 1.58
C SER A 16 14.12 24.09 0.52
N TYR A 17 13.76 22.85 0.16
CA TYR A 17 12.72 22.61 -0.85
C TYR A 17 11.33 22.34 -0.29
N LYS A 18 10.36 23.11 -0.78
CA LYS A 18 8.96 22.94 -0.38
C LYS A 18 8.23 22.35 -1.58
N PHE A 19 7.27 21.47 -1.32
CA PHE A 19 6.54 20.82 -2.39
C PHE A 19 5.16 21.38 -2.66
N ILE A 20 4.89 21.66 -3.94
CA ILE A 20 3.60 22.22 -4.35
C ILE A 20 2.77 21.30 -5.25
N PRO A 21 1.47 21.19 -4.93
CA PRO A 21 0.47 20.37 -5.64
C PRO A 21 0.22 20.86 -7.05
N PHE A 22 -0.06 19.92 -7.96
CA PHE A 22 -0.34 20.28 -9.35
C PHE A 22 -1.82 20.63 -9.52
N ASN A 23 -2.11 21.52 -10.46
CA ASN A 23 -3.50 21.88 -10.76
C ASN A 23 -3.92 20.87 -11.81
N ASN A 24 -5.06 20.21 -11.62
CA ASN A 24 -5.47 19.21 -12.61
C ASN A 24 -5.53 19.81 -14.01
N LEU A 25 -5.88 21.09 -14.12
CA LEU A 25 -5.95 21.74 -15.41
C LEU A 25 -4.59 21.90 -16.05
N ALA A 26 -3.53 22.01 -15.24
CA ALA A 26 -2.18 22.15 -15.78
C ALA A 26 -1.73 20.81 -16.31
N ILE A 27 -2.16 19.75 -15.64
CA ILE A 27 -1.81 18.40 -16.07
C ILE A 27 -2.48 18.17 -17.43
N LYS A 28 -3.75 18.58 -17.51
CA LYS A 28 -4.51 18.43 -18.74
C LYS A 28 -3.78 19.16 -19.87
N ALA A 29 -3.32 20.38 -19.59
CA ALA A 29 -2.59 21.16 -20.58
C ALA A 29 -1.40 20.38 -21.11
N MET A 30 -0.60 19.83 -20.19
CA MET A 30 0.57 19.05 -20.56
C MET A 30 0.23 17.85 -21.43
N LEU A 31 -0.83 17.12 -21.08
CA LEU A 31 -1.24 15.93 -21.85
C LEU A 31 -1.57 16.34 -23.28
N THR A 32 -1.67 17.65 -23.48
CA THR A 32 -1.99 18.26 -24.75
C THR A 32 -0.71 18.78 -25.41
N ALA A 33 0.26 19.12 -24.58
CA ALA A 33 1.52 19.71 -25.06
C ALA A 33 2.38 18.90 -26.02
N LYS A 34 3.18 19.64 -26.80
CA LYS A 34 4.14 19.10 -27.74
C LYS A 34 5.48 19.47 -27.14
N VAL A 35 6.12 18.49 -26.51
CA VAL A 35 7.38 18.74 -25.86
C VAL A 35 8.47 18.02 -26.63
N ASP A 36 9.69 18.50 -26.51
CA ASP A 36 10.80 17.88 -27.19
C ASP A 36 11.27 16.70 -26.36
N LYS A 37 11.93 15.75 -27.00
CA LYS A 37 12.39 14.56 -26.29
C LYS A 37 13.43 14.83 -25.20
N LYS A 38 14.07 16.00 -25.24
CA LYS A 38 15.06 16.33 -24.24
C LYS A 38 14.47 17.08 -23.05
N ASP A 39 13.16 17.30 -23.09
CA ASP A 39 12.49 18.02 -22.02
C ASP A 39 11.44 17.14 -21.37
N MET A 40 11.33 15.90 -21.83
CA MET A 40 10.35 14.96 -21.31
C MET A 40 10.53 14.68 -19.82
N ASP A 41 11.72 14.96 -19.29
CA ASP A 41 12.01 14.72 -17.88
C ASP A 41 11.94 15.98 -17.05
N LYS A 42 11.90 17.13 -17.71
CA LYS A 42 11.82 18.42 -17.02
C LYS A 42 10.37 18.84 -16.82
N PHE A 43 10.08 19.44 -15.68
CA PHE A 43 8.72 19.86 -15.41
C PHE A 43 8.15 20.68 -16.55
N TYR A 44 6.84 20.74 -16.64
CA TYR A 44 6.20 21.46 -17.73
C TYR A 44 5.50 22.72 -17.26
N ASP A 45 5.55 23.76 -18.08
CA ASP A 45 4.89 25.02 -17.75
C ASP A 45 3.66 25.24 -18.62
N SER A 46 2.48 25.16 -17.99
CA SER A 46 1.21 25.34 -18.70
C SER A 46 0.93 26.81 -19.02
N ILE A 47 1.71 27.68 -18.39
CA ILE A 47 1.57 29.12 -18.57
C ILE A 47 0.33 29.63 -17.85
N ILE A 48 -0.81 29.01 -18.13
CA ILE A 48 -2.07 29.43 -17.56
C ILE A 48 -2.41 28.86 -16.17
N TYR A 49 -2.01 27.61 -15.91
CA TYR A 49 -2.33 26.98 -14.63
C TYR A 49 -1.15 26.50 -13.81
N GLY A 50 0.00 27.13 -13.97
CA GLY A 50 1.17 26.73 -13.22
C GLY A 50 1.93 25.57 -13.82
N ILE A 51 2.78 24.95 -13.01
CA ILE A 51 3.61 23.84 -13.44
C ILE A 51 2.85 22.53 -13.42
N ALA A 52 3.33 21.61 -14.23
CA ALA A 52 2.73 20.28 -14.36
C ALA A 52 3.87 19.27 -14.38
N PRO A 53 3.55 17.99 -14.10
CA PRO A 53 4.57 16.93 -14.09
C PRO A 53 5.31 16.75 -15.43
N PRO A 54 6.54 16.22 -15.38
CA PRO A 54 7.30 16.01 -16.62
C PRO A 54 6.47 15.18 -17.60
N PRO A 55 6.45 15.58 -18.88
CA PRO A 55 5.71 14.92 -19.95
C PRO A 55 5.86 13.39 -19.99
N GLN A 56 6.98 12.89 -19.49
CA GLN A 56 7.24 11.45 -19.47
C GLN A 56 6.30 10.67 -18.56
N PHE A 57 5.47 11.38 -17.82
CA PHE A 57 4.53 10.72 -16.93
C PHE A 57 3.11 10.63 -17.52
N LYS A 58 2.96 10.95 -18.80
CA LYS A 58 1.64 10.90 -19.44
C LYS A 58 0.82 9.67 -19.03
N LYS A 59 1.47 8.52 -18.99
CA LYS A 59 0.86 7.24 -18.66
C LYS A 59 0.15 7.13 -17.32
N ARG A 60 0.55 7.98 -16.36
CA ARG A 60 -0.02 7.95 -15.03
C ARG A 60 -1.41 8.61 -14.93
N TYR A 61 -1.79 9.31 -15.98
CA TYR A 61 -3.08 10.00 -15.97
C TYR A 61 -4.11 9.47 -16.96
N ASN A 62 -5.33 9.28 -16.47
CA ASN A 62 -6.39 8.76 -17.32
C ASN A 62 -6.92 9.81 -18.28
N THR A 63 -7.02 9.41 -19.53
CA THR A 63 -7.54 10.25 -20.61
C THR A 63 -8.59 9.38 -21.31
N ASN A 64 -8.83 9.64 -22.60
CA ASN A 64 -9.80 8.83 -23.33
C ASN A 64 -9.09 7.58 -23.86
N ASP A 65 -7.76 7.64 -23.95
CA ASP A 65 -6.97 6.52 -24.44
C ASP A 65 -6.24 5.84 -23.29
N ASN A 66 -6.62 6.16 -22.06
CA ASN A 66 -5.96 5.58 -20.90
C ASN A 66 -6.89 5.45 -19.71
N SER A 67 -6.95 4.25 -19.15
CA SER A 67 -7.77 3.96 -17.97
C SER A 67 -6.83 3.26 -17.01
N ARG A 68 -5.58 3.12 -17.44
CA ARG A 68 -4.54 2.46 -16.67
C ARG A 68 -3.96 3.43 -15.64
N GLY A 69 -4.21 4.73 -15.82
CA GLY A 69 -3.67 5.73 -14.91
C GLY A 69 -4.55 6.10 -13.71
N MET A 70 -4.53 7.37 -13.33
CA MET A 70 -5.33 7.85 -12.20
C MET A 70 -6.28 8.96 -12.62
N ASN A 71 -7.29 9.22 -11.80
CA ASN A 71 -8.27 10.25 -12.10
C ASN A 71 -7.88 11.58 -11.46
N PHE A 72 -6.88 12.21 -12.06
CA PHE A 72 -6.35 13.48 -11.58
C PHE A 72 -7.34 14.63 -11.56
N GLU A 73 -8.52 14.46 -12.16
CA GLU A 73 -9.45 15.58 -12.15
C GLU A 73 -10.41 15.60 -10.97
N THR A 74 -10.29 14.61 -10.09
CA THR A 74 -11.14 14.51 -8.89
C THR A 74 -10.57 15.35 -7.75
N ILE A 75 -11.36 15.57 -6.70
CA ILE A 75 -10.86 16.35 -5.56
C ILE A 75 -9.87 15.49 -4.78
N MET A 76 -10.04 14.18 -4.87
CA MET A 76 -9.16 13.23 -4.19
C MET A 76 -7.71 13.47 -4.62
N PHE A 77 -7.48 13.73 -5.90
CA PHE A 77 -6.14 13.99 -6.41
C PHE A 77 -5.54 15.17 -5.63
N THR A 78 -6.29 16.26 -5.55
CA THR A 78 -5.85 17.44 -4.82
C THR A 78 -5.56 17.03 -3.37
N LYS A 79 -6.54 16.37 -2.75
CA LYS A 79 -6.42 15.90 -1.38
C LYS A 79 -5.20 15.01 -1.16
N VAL A 80 -4.95 14.09 -2.09
CA VAL A 80 -3.80 13.20 -1.97
C VAL A 80 -2.51 14.00 -2.18
N ALA A 81 -2.53 14.96 -3.08
CA ALA A 81 -1.34 15.77 -3.35
C ALA A 81 -0.99 16.51 -2.09
N MET A 82 -1.98 17.16 -1.50
CA MET A 82 -1.78 17.91 -0.28
C MET A 82 -1.25 17.01 0.83
N LEU A 83 -1.75 15.78 0.92
CA LEU A 83 -1.31 14.85 1.96
C LEU A 83 0.18 14.58 1.79
N ILE A 84 0.59 14.40 0.54
CA ILE A 84 1.99 14.17 0.24
C ILE A 84 2.82 15.40 0.55
N CYS A 85 2.44 16.54 0.00
CA CYS A 85 3.18 17.77 0.23
C CYS A 85 3.37 18.11 1.70
N GLU A 86 2.36 17.84 2.52
CA GLU A 86 2.45 18.13 3.94
C GLU A 86 3.56 17.30 4.58
N ALA A 87 3.70 16.06 4.12
CA ALA A 87 4.71 15.15 4.64
C ALA A 87 6.13 15.53 4.18
N LEU A 88 6.29 15.75 2.88
CA LEU A 88 7.57 16.10 2.32
C LEU A 88 8.10 17.46 2.80
N ASN A 89 7.19 18.34 3.22
CA ASN A 89 7.60 19.65 3.67
C ASN A 89 8.16 19.65 5.09
N SER A 90 7.70 18.68 5.89
CA SER A 90 8.14 18.57 7.29
C SER A 90 9.54 17.98 7.33
N LEU A 91 10.01 17.49 6.20
CA LEU A 91 11.33 16.87 6.11
C LEU A 91 12.44 17.86 5.76
N LYS A 92 12.08 19.04 5.28
CA LYS A 92 13.09 20.01 4.89
C LYS A 92 14.15 19.28 4.05
N VAL A 93 13.71 18.77 2.89
CA VAL A 93 14.59 18.04 1.98
C VAL A 93 15.63 18.97 1.34
N THR A 94 16.80 18.42 1.04
CA THR A 94 17.93 19.17 0.46
C THR A 94 18.14 18.99 -1.04
N GLN A 95 18.76 20.01 -1.64
CA GLN A 95 19.05 20.09 -3.06
C GLN A 95 19.69 18.86 -3.71
N ALA A 96 19.89 17.80 -2.93
CA ALA A 96 20.50 16.61 -3.50
C ALA A 96 19.57 15.41 -3.36
N ASN A 97 19.01 15.25 -2.16
CA ASN A 97 18.10 14.13 -1.91
C ASN A 97 16.77 14.28 -2.65
N VAL A 98 16.52 15.48 -3.16
CA VAL A 98 15.26 15.81 -3.85
C VAL A 98 14.80 14.91 -4.98
N SER A 99 15.55 14.85 -6.07
CA SER A 99 15.13 14.02 -7.19
C SER A 99 14.81 12.59 -6.75
N ASN A 100 15.66 12.03 -5.91
CA ASN A 100 15.46 10.66 -5.43
C ASN A 100 14.13 10.52 -4.68
N VAL A 101 13.76 11.54 -3.92
CA VAL A 101 12.52 11.53 -3.15
C VAL A 101 11.29 11.41 -4.04
N LEU A 102 11.13 12.36 -4.96
CA LEU A 102 9.98 12.37 -5.85
C LEU A 102 9.87 11.15 -6.76
N SER A 103 11.00 10.56 -7.14
CA SER A 103 11.00 9.39 -8.01
C SER A 103 10.52 8.15 -7.27
N ARG A 104 10.32 8.28 -5.96
CA ARG A 104 9.86 7.17 -5.15
C ARG A 104 8.46 6.74 -5.60
N VAL A 105 8.26 5.45 -5.79
CA VAL A 105 6.95 4.95 -6.19
C VAL A 105 6.15 4.57 -4.95
N VAL A 106 4.97 5.18 -4.80
CA VAL A 106 4.10 4.92 -3.67
C VAL A 106 2.80 4.29 -4.14
N SER A 107 2.03 3.75 -3.18
CA SER A 107 0.74 3.15 -3.47
C SER A 107 -0.35 4.21 -3.25
N ILE A 108 -1.04 4.57 -4.33
CA ILE A 108 -2.08 5.58 -4.27
C ILE A 108 -3.26 5.18 -3.42
N ARG A 109 -3.64 3.91 -3.48
CA ARG A 109 -4.76 3.45 -2.69
C ARG A 109 -4.48 3.65 -1.21
N HIS A 110 -3.23 3.44 -0.80
CA HIS A 110 -2.83 3.62 0.59
C HIS A 110 -2.95 5.10 0.94
N LEU A 111 -2.54 5.95 0.01
CA LEU A 111 -2.60 7.39 0.22
C LEU A 111 -4.03 7.92 0.27
N GLU A 112 -4.88 7.41 -0.61
CA GLU A 112 -6.26 7.86 -0.60
C GLU A 112 -6.91 7.34 0.67
N ASN A 113 -6.54 6.13 1.10
CA ASN A 113 -7.12 5.58 2.32
C ASN A 113 -6.70 6.43 3.52
N LEU A 114 -5.50 6.98 3.49
CA LEU A 114 -5.05 7.83 4.57
C LEU A 114 -5.90 9.11 4.59
N VAL A 115 -6.27 9.61 3.41
CA VAL A 115 -7.10 10.82 3.36
C VAL A 115 -8.46 10.54 3.96
N ILE A 116 -9.01 9.36 3.67
CA ILE A 116 -10.31 9.03 4.20
C ILE A 116 -10.27 9.01 5.73
N ARG A 117 -9.13 8.57 6.28
CA ARG A 117 -8.96 8.54 7.74
C ARG A 117 -8.83 9.97 8.27
N LYS A 118 -7.87 10.68 7.69
CA LYS A 118 -7.56 12.05 8.04
C LYS A 118 -8.77 12.98 8.11
N GLU A 119 -9.70 12.86 7.17
CA GLU A 119 -10.89 13.70 7.12
C GLU A 119 -12.07 13.25 7.97
N ASN A 120 -11.95 12.11 8.64
CA ASN A 120 -13.05 11.66 9.48
C ASN A 120 -12.78 12.14 10.91
N PRO A 121 -13.69 12.95 11.46
CA PRO A 121 -13.53 13.47 12.83
C PRO A 121 -13.48 12.42 13.93
N GLN A 122 -13.94 11.20 13.63
CA GLN A 122 -13.91 10.12 14.63
C GLN A 122 -12.55 9.41 14.67
N ASP A 123 -11.80 9.51 13.57
CA ASP A 123 -10.51 8.85 13.45
C ASP A 123 -9.49 9.64 14.26
N ILE A 124 -8.62 8.91 14.94
CA ILE A 124 -7.59 9.53 15.77
C ILE A 124 -6.67 10.40 14.90
N LEU A 125 -6.52 10.05 13.63
CA LEU A 125 -5.66 10.83 12.73
C LEU A 125 -6.19 12.23 12.50
N PHE A 126 -7.48 12.43 12.72
CA PHE A 126 -8.12 13.72 12.54
C PHE A 126 -7.59 14.69 13.60
N HIS A 127 -7.30 14.14 14.78
CA HIS A 127 -6.83 14.92 15.91
C HIS A 127 -5.33 14.90 16.13
N SER A 128 -4.63 13.94 15.54
CA SER A 128 -3.19 13.88 15.72
C SER A 128 -2.44 14.20 14.46
N LYS A 129 -2.09 15.47 14.29
CA LYS A 129 -1.36 15.91 13.12
C LYS A 129 0.03 15.27 13.13
N ASP A 130 0.39 14.71 14.28
CA ASP A 130 1.67 14.04 14.40
C ASP A 130 1.55 12.61 13.89
N LEU A 131 0.53 11.90 14.38
CA LEU A 131 0.27 10.52 13.96
C LEU A 131 -0.01 10.47 12.46
N LEU A 132 -0.64 11.52 11.96
CA LEU A 132 -0.97 11.63 10.54
C LEU A 132 0.30 11.63 9.69
N LEU A 133 1.31 12.36 10.14
CA LEU A 133 2.58 12.43 9.42
C LEU A 133 3.28 11.10 9.45
N LYS A 134 3.33 10.48 10.64
CA LYS A 134 3.96 9.18 10.79
C LYS A 134 3.28 8.19 9.83
N SER A 135 1.96 8.26 9.75
CA SER A 135 1.21 7.39 8.86
C SER A 135 1.53 7.64 7.38
N THR A 136 1.68 8.92 7.02
CA THR A 136 1.96 9.28 5.63
C THR A 136 3.40 8.96 5.24
N LEU A 137 4.33 9.37 6.09
CA LEU A 137 5.75 9.13 5.81
C LEU A 137 5.98 7.63 5.56
N ILE A 138 5.33 6.78 6.34
CA ILE A 138 5.47 5.35 6.15
C ILE A 138 5.02 5.01 4.74
N ALA A 139 3.90 5.61 4.33
CA ALA A 139 3.30 5.37 3.02
C ALA A 139 4.17 5.78 1.83
N ILE A 140 4.92 6.86 2.01
CA ILE A 140 5.76 7.34 0.93
C ILE A 140 7.22 6.93 1.10
N GLY A 141 7.45 5.94 1.96
CA GLY A 141 8.79 5.44 2.19
C GLY A 141 9.78 6.46 2.66
N GLN A 142 9.48 7.08 3.80
CA GLN A 142 10.34 8.09 4.42
C GLN A 142 10.26 7.87 5.92
N SER A 143 10.13 6.60 6.31
CA SER A 143 10.04 6.24 7.71
C SER A 143 10.49 4.82 7.89
N LYS A 144 11.39 4.61 8.85
CA LYS A 144 11.91 3.28 9.18
C LYS A 144 10.82 2.48 9.87
N GLU A 145 9.98 3.21 10.59
CA GLU A 145 8.87 2.65 11.36
C GLU A 145 7.99 1.69 10.55
N ILE A 146 7.35 0.76 11.24
CA ILE A 146 6.48 -0.22 10.60
C ILE A 146 5.00 0.15 10.79
N GLU A 147 4.22 -0.11 9.75
CA GLU A 147 2.79 0.19 9.79
C GLU A 147 2.08 -0.74 10.77
N THR A 148 1.38 -0.14 11.73
CA THR A 148 0.63 -0.90 12.71
C THR A 148 -0.77 -0.33 12.66
N THR A 149 -1.71 -0.92 13.38
CA THR A 149 -3.10 -0.44 13.40
C THR A 149 -3.26 1.06 13.48
N ILE A 150 -2.73 1.67 14.53
CA ILE A 150 -2.82 3.11 14.73
C ILE A 150 -2.42 3.89 13.47
N THR A 151 -1.34 3.47 12.79
CA THR A 151 -0.87 4.15 11.58
C THR A 151 -1.28 3.43 10.30
N ALA A 152 -2.25 2.53 10.40
CA ALA A 152 -2.72 1.75 9.26
C ALA A 152 -3.42 2.62 8.20
N GLU A 153 -3.47 2.14 6.96
CA GLU A 153 -4.11 2.90 5.90
C GLU A 153 -5.62 2.99 6.13
N GLY A 154 -6.13 2.13 7.01
CA GLY A 154 -7.54 2.17 7.31
C GLY A 154 -8.42 1.27 6.49
N GLY A 155 -9.70 1.60 6.44
CA GLY A 155 -10.66 0.79 5.71
C GLY A 155 -11.75 0.43 6.69
N GLU A 156 -12.44 -0.67 6.45
CA GLU A 156 -13.52 -1.08 7.34
C GLU A 156 -13.13 -2.23 8.28
N ILE A 157 -13.15 -1.95 9.57
CA ILE A 157 -12.80 -2.95 10.59
C ILE A 157 -13.83 -4.07 10.66
N VAL A 158 -13.39 -5.30 10.41
CA VAL A 158 -14.28 -6.46 10.44
C VAL A 158 -13.87 -7.49 11.48
N PHE A 159 -12.86 -7.17 12.27
CA PHE A 159 -12.37 -8.03 13.35
C PHE A 159 -11.37 -7.27 14.19
N GLN A 160 -11.46 -7.41 15.51
CA GLN A 160 -10.46 -6.76 16.33
C GLN A 160 -10.09 -7.59 17.54
N ASN A 161 -8.78 -7.69 17.73
CA ASN A 161 -8.25 -8.48 18.83
C ASN A 161 -7.47 -7.60 19.79
N ALA A 162 -6.68 -8.23 20.64
CA ALA A 162 -5.87 -7.44 21.54
C ALA A 162 -4.53 -7.33 20.84
N ALA A 163 -4.37 -8.18 19.84
CA ALA A 163 -3.14 -8.21 19.06
C ALA A 163 -3.35 -7.69 17.64
N PHE A 164 -4.50 -8.02 17.04
CA PHE A 164 -4.76 -7.59 15.67
C PHE A 164 -6.06 -6.82 15.41
N THR A 165 -6.05 -6.11 14.27
CA THR A 165 -7.20 -5.39 13.76
C THR A 165 -7.29 -5.75 12.27
N MET A 166 -8.42 -6.32 11.86
CA MET A 166 -8.61 -6.69 10.46
C MET A 166 -9.43 -5.65 9.72
N TRP A 167 -8.87 -5.19 8.62
CA TRP A 167 -9.53 -4.19 7.80
C TRP A 167 -9.95 -4.74 6.45
N LYS A 168 -11.09 -4.24 5.98
CA LYS A 168 -11.56 -4.63 4.67
C LYS A 168 -11.14 -3.47 3.78
N LEU A 169 -10.30 -3.74 2.80
CA LEU A 169 -9.85 -2.68 1.89
C LEU A 169 -11.01 -2.21 1.00
N THR A 170 -11.24 -0.91 1.01
CA THR A 170 -12.33 -0.32 0.22
C THR A 170 -11.91 0.22 -1.15
N TYR A 171 -10.84 -0.34 -1.69
CA TYR A 171 -10.27 0.08 -2.97
C TYR A 171 -11.29 0.27 -4.10
N LEU A 172 -12.40 -0.45 -4.06
CA LEU A 172 -13.41 -0.32 -5.11
C LEU A 172 -14.13 1.02 -5.03
N GLU A 173 -14.43 1.49 -3.83
CA GLU A 173 -15.13 2.75 -3.70
C GLU A 173 -14.21 3.97 -3.76
N HIS A 174 -12.96 3.78 -4.18
CA HIS A 174 -12.02 4.90 -4.30
C HIS A 174 -12.31 5.84 -5.47
N GLN A 175 -11.95 7.12 -5.31
CA GLN A 175 -12.17 8.13 -6.33
C GLN A 175 -10.97 8.32 -7.25
N LEU A 176 -9.78 8.42 -6.66
CA LEU A 176 -8.55 8.64 -7.40
C LEU A 176 -8.16 7.49 -8.33
N MET A 177 -7.95 6.30 -7.77
CA MET A 177 -7.58 5.16 -8.61
C MET A 177 -8.09 3.86 -8.04
N PRO A 178 -9.41 3.64 -8.14
CA PRO A 178 -10.05 2.43 -7.63
C PRO A 178 -9.69 1.16 -8.38
N ILE A 179 -10.01 0.02 -7.80
CA ILE A 179 -9.77 -1.26 -8.44
C ILE A 179 -10.91 -1.33 -9.46
N LEU A 180 -10.63 -1.72 -10.70
CA LEU A 180 -11.67 -1.78 -11.71
C LEU A 180 -12.43 -3.09 -11.68
N ASP A 181 -11.72 -4.15 -11.31
CA ASP A 181 -12.29 -5.47 -11.19
C ASP A 181 -13.32 -5.47 -10.06
N GLN A 182 -14.58 -5.21 -10.41
CA GLN A 182 -15.69 -5.15 -9.46
C GLN A 182 -15.85 -6.42 -8.63
N ASN A 183 -15.06 -7.44 -8.98
CA ASN A 183 -15.12 -8.75 -8.33
C ASN A 183 -14.05 -8.84 -7.23
N PHE A 184 -13.40 -7.71 -7.00
CA PHE A 184 -12.31 -7.53 -6.03
C PHE A 184 -12.74 -7.48 -4.57
N ILE A 185 -11.93 -8.09 -3.71
CA ILE A 185 -12.12 -8.15 -2.27
C ILE A 185 -10.75 -8.46 -1.67
N GLU A 186 -10.30 -7.65 -0.71
CA GLU A 186 -9.01 -7.88 -0.07
C GLU A 186 -9.05 -7.35 1.37
N TYR A 187 -8.34 -8.02 2.28
CA TYR A 187 -8.30 -7.59 3.68
C TYR A 187 -6.86 -7.44 4.15
N LYS A 188 -6.69 -6.64 5.20
CA LYS A 188 -5.37 -6.36 5.73
C LYS A 188 -5.42 -6.51 7.23
N VAL A 189 -4.46 -7.23 7.80
CA VAL A 189 -4.42 -7.39 9.24
C VAL A 189 -3.19 -6.68 9.78
N THR A 190 -3.42 -5.68 10.59
CA THR A 190 -2.34 -4.92 11.19
C THR A 190 -2.14 -5.37 12.64
N LEU A 191 -0.91 -5.24 13.13
CA LEU A 191 -0.60 -5.60 14.50
C LEU A 191 -0.91 -4.36 15.33
N ASN A 192 -1.67 -4.54 16.40
CA ASN A 192 -2.02 -3.40 17.22
C ASN A 192 -0.75 -2.80 17.80
N GLU A 193 0.14 -3.66 18.27
CA GLU A 193 1.40 -3.21 18.83
C GLU A 193 2.50 -4.09 18.24
N ASP A 194 3.67 -3.49 18.03
CA ASP A 194 4.82 -4.22 17.50
C ASP A 194 5.53 -4.83 18.71
N LYS A 195 5.06 -6.01 19.12
CA LYS A 195 5.61 -6.70 20.27
C LYS A 195 5.16 -8.16 20.31
N PRO A 196 5.53 -8.91 21.37
CA PRO A 196 5.15 -10.31 21.50
C PRO A 196 3.64 -10.53 21.50
N ILE A 197 3.21 -11.65 20.92
CA ILE A 197 1.80 -11.99 20.86
C ILE A 197 1.54 -13.39 21.40
N SER A 198 0.63 -13.48 22.36
CA SER A 198 0.30 -14.75 22.97
C SER A 198 -0.31 -15.70 21.95
N ASP A 199 -0.17 -16.99 22.21
CA ASP A 199 -0.71 -18.00 21.32
C ASP A 199 -2.22 -17.98 21.31
N VAL A 200 -2.83 -17.59 22.43
CA VAL A 200 -4.27 -17.54 22.51
C VAL A 200 -4.81 -16.47 21.55
N HIS A 201 -4.12 -15.34 21.47
CA HIS A 201 -4.51 -14.22 20.60
C HIS A 201 -4.31 -14.55 19.12
N VAL A 202 -3.30 -15.36 18.84
CA VAL A 202 -3.01 -15.79 17.47
C VAL A 202 -4.07 -16.84 17.10
N LYS A 203 -4.49 -17.61 18.10
CA LYS A 203 -5.50 -18.63 17.90
C LYS A 203 -6.84 -17.96 17.57
N GLU A 204 -7.11 -16.84 18.23
CA GLU A 204 -8.35 -16.10 18.01
C GLU A 204 -8.42 -15.61 16.56
N LEU A 205 -7.30 -15.10 16.07
CA LEU A 205 -7.25 -14.59 14.70
C LEU A 205 -7.44 -15.71 13.68
N VAL A 206 -6.63 -16.76 13.80
CA VAL A 206 -6.73 -17.86 12.85
C VAL A 206 -8.14 -18.43 12.87
N ALA A 207 -8.73 -18.48 14.05
CA ALA A 207 -10.09 -19.00 14.14
C ALA A 207 -10.99 -18.21 13.19
N GLU A 208 -10.91 -16.88 13.28
CA GLU A 208 -11.71 -16.00 12.45
C GLU A 208 -11.43 -16.19 10.95
N LEU A 209 -10.13 -16.25 10.60
CA LEU A 209 -9.73 -16.43 9.21
C LEU A 209 -10.07 -17.77 8.59
N ARG A 210 -10.40 -18.77 9.40
CA ARG A 210 -10.76 -20.08 8.86
C ARG A 210 -12.26 -20.14 8.70
N TRP A 211 -12.95 -19.53 9.65
CA TRP A 211 -14.41 -19.52 9.63
C TRP A 211 -14.95 -18.48 8.64
N GLN A 212 -14.60 -17.23 8.86
CA GLN A 212 -15.07 -16.14 8.02
C GLN A 212 -14.39 -15.98 6.64
N TYR A 213 -13.10 -16.31 6.55
CA TYR A 213 -12.39 -16.16 5.29
C TYR A 213 -11.70 -17.45 4.82
N ASN A 214 -12.47 -18.54 4.74
CA ASN A 214 -11.93 -19.83 4.31
C ASN A 214 -11.48 -19.82 2.85
N LYS A 215 -12.15 -19.05 2.01
CA LYS A 215 -11.80 -18.98 0.60
C LYS A 215 -10.66 -17.99 0.35
N PHE A 216 -10.06 -17.49 1.42
CA PHE A 216 -8.97 -16.52 1.30
C PHE A 216 -7.66 -17.10 1.84
N ALA A 217 -6.55 -16.64 1.26
CA ALA A 217 -5.21 -17.09 1.66
C ALA A 217 -4.52 -16.01 2.49
N VAL A 218 -3.93 -16.39 3.62
CA VAL A 218 -3.24 -15.41 4.42
C VAL A 218 -1.82 -15.22 3.89
N ILE A 219 -1.50 -14.03 3.39
CA ILE A 219 -0.16 -13.79 2.87
C ILE A 219 0.37 -12.47 3.43
N THR A 220 1.49 -12.02 2.90
CA THR A 220 2.08 -10.76 3.35
C THR A 220 3.03 -10.25 2.28
N HIS A 221 3.23 -8.94 2.25
CA HIS A 221 4.15 -8.35 1.31
C HIS A 221 5.47 -8.13 2.02
N GLY A 222 5.49 -8.55 3.29
CA GLY A 222 6.69 -8.49 4.11
C GLY A 222 7.01 -7.23 4.88
N LYS A 223 6.11 -6.25 4.90
CA LYS A 223 6.41 -5.01 5.63
C LYS A 223 5.75 -4.95 7.00
N GLY A 224 5.42 -6.11 7.57
CA GLY A 224 4.83 -6.11 8.90
C GLY A 224 3.33 -6.32 9.00
N ALA A 225 2.63 -6.48 7.89
CA ALA A 225 1.18 -6.69 7.94
C ALA A 225 0.67 -7.81 7.03
N TYR A 226 -0.39 -8.49 7.45
CA TYR A 226 -0.95 -9.58 6.64
C TYR A 226 -1.93 -9.06 5.58
N ARG A 227 -2.03 -9.77 4.48
CA ARG A 227 -2.93 -9.39 3.41
C ARG A 227 -3.79 -10.62 3.20
N ILE A 228 -5.12 -10.45 3.29
CA ILE A 228 -6.04 -11.58 3.10
C ILE A 228 -6.62 -11.47 1.70
N VAL A 229 -6.07 -12.28 0.80
CA VAL A 229 -6.48 -12.27 -0.59
C VAL A 229 -7.07 -13.60 -1.05
N LYS A 230 -7.83 -13.58 -2.14
CA LYS A 230 -8.43 -14.79 -2.70
C LYS A 230 -7.31 -15.69 -3.21
N TYR A 231 -7.52 -17.01 -3.12
CA TYR A 231 -6.52 -17.95 -3.60
C TYR A 231 -6.35 -17.77 -5.10
N SER A 232 -7.41 -17.35 -5.76
CA SER A 232 -7.37 -17.15 -7.19
C SER A 232 -6.60 -15.90 -7.54
N SER A 233 -5.82 -15.38 -6.60
CA SER A 233 -5.05 -14.17 -6.88
C SER A 233 -3.70 -14.14 -6.18
N VAL A 234 -3.31 -15.26 -5.59
CA VAL A 234 -2.04 -15.38 -4.89
C VAL A 234 -0.89 -15.24 -5.90
N ALA A 235 -1.12 -15.79 -7.09
CA ALA A 235 -0.15 -15.77 -8.17
C ALA A 235 0.39 -14.36 -8.50
N ASN A 236 -0.52 -13.44 -8.77
CA ASN A 236 -0.16 -12.06 -9.12
C ASN A 236 0.55 -11.36 -7.98
N HIS A 237 0.23 -11.77 -6.75
CA HIS A 237 0.85 -11.20 -5.58
C HIS A 237 2.29 -11.71 -5.55
N ALA A 238 2.45 -13.01 -5.77
CA ALA A 238 3.77 -13.65 -5.79
C ALA A 238 4.68 -12.91 -6.77
N ASP A 239 4.16 -12.63 -7.97
CA ASP A 239 4.94 -11.93 -8.98
C ASP A 239 5.35 -10.54 -8.46
N ARG A 240 4.36 -9.73 -8.12
CA ARG A 240 4.59 -8.37 -7.63
C ARG A 240 5.59 -8.28 -6.48
N VAL A 241 5.51 -9.21 -5.55
CA VAL A 241 6.40 -9.21 -4.38
C VAL A 241 7.82 -9.64 -4.76
N TYR A 242 7.92 -10.59 -5.68
CA TYR A 242 9.22 -11.05 -6.14
C TYR A 242 9.88 -9.92 -6.90
N ALA A 243 9.12 -9.30 -7.81
CA ALA A 243 9.61 -8.20 -8.62
C ALA A 243 10.23 -7.12 -7.74
N THR A 244 9.53 -6.82 -6.64
CA THR A 244 9.98 -5.80 -5.71
C THR A 244 11.24 -6.24 -4.96
N PHE A 245 11.34 -7.53 -4.70
CA PHE A 245 12.50 -8.06 -4.00
C PHE A 245 13.69 -7.94 -4.94
N LYS A 246 13.41 -8.17 -6.24
CA LYS A 246 14.40 -8.08 -7.29
C LYS A 246 15.15 -6.74 -7.19
N SER A 247 14.39 -5.66 -7.09
CA SER A 247 14.98 -4.34 -6.97
C SER A 247 15.55 -4.23 -5.55
N ASN A 248 16.49 -5.13 -5.25
CA ASN A 248 17.15 -5.22 -3.95
C ASN A 248 18.49 -4.51 -3.96
N VAL A 249 18.69 -3.65 -4.96
CA VAL A 249 19.92 -2.88 -5.11
C VAL A 249 19.90 -1.78 -4.03
N LYS A 250 18.84 -1.80 -3.21
CA LYS A 250 18.64 -0.83 -2.12
C LYS A 250 17.90 -1.48 -0.94
N ASN A 255 16.73 -3.84 2.33
CA ASN A 255 15.77 -4.68 1.62
C ASN A 255 15.32 -5.86 2.48
N ASP A 256 14.82 -5.54 3.67
CA ASP A 256 14.32 -6.54 4.63
C ASP A 256 12.99 -7.11 4.19
N PHE A 257 12.64 -8.26 4.73
CA PHE A 257 11.37 -8.90 4.40
C PHE A 257 10.87 -9.73 5.56
N ASN A 258 9.78 -9.28 6.16
CA ASN A 258 9.20 -9.99 7.28
C ASN A 258 8.25 -11.07 6.77
N LEU A 259 8.54 -12.31 7.17
CA LEU A 259 7.74 -13.46 6.76
C LEU A 259 6.51 -13.61 7.65
N LEU A 260 6.50 -12.91 8.78
CA LEU A 260 5.39 -12.96 9.74
C LEU A 260 5.14 -14.38 10.27
N ASP A 261 4.34 -14.48 11.32
CA ASP A 261 4.02 -15.73 11.97
C ASP A 261 3.75 -16.89 11.01
N GLN A 262 4.55 -17.94 11.14
CA GLN A 262 4.43 -19.12 10.28
C GLN A 262 3.19 -19.95 10.57
N ARG A 263 2.54 -19.70 11.70
CA ARG A 263 1.32 -20.43 12.09
C ARG A 263 0.09 -19.77 11.46
N ILE A 264 0.27 -18.56 10.95
CA ILE A 264 -0.82 -17.80 10.33
C ILE A 264 -0.74 -17.81 8.81
N ILE A 265 0.43 -17.43 8.29
CA ILE A 265 0.68 -17.39 6.85
C ILE A 265 0.38 -18.73 6.20
N TRP A 266 -0.23 -18.68 5.01
CA TRP A 266 -0.55 -19.89 4.27
C TRP A 266 0.76 -20.63 4.00
N GLN A 267 0.77 -21.93 4.26
CA GLN A 267 1.95 -22.77 4.07
C GLN A 267 2.73 -22.54 2.77
N ASN A 268 2.04 -22.61 1.64
CA ASN A 268 2.71 -22.42 0.36
C ASN A 268 3.34 -21.04 0.26
N TRP A 269 2.62 -20.00 0.69
CA TRP A 269 3.17 -18.65 0.62
C TRP A 269 4.43 -18.54 1.49
N TYR A 270 4.39 -19.13 2.69
CA TYR A 270 5.53 -19.09 3.59
C TYR A 270 6.71 -19.72 2.88
N ALA A 271 6.46 -20.83 2.21
CA ALA A 271 7.52 -21.50 1.48
C ALA A 271 8.03 -20.59 0.36
N PHE A 272 7.14 -20.18 -0.53
CA PHE A 272 7.50 -19.30 -1.64
C PHE A 272 8.31 -18.06 -1.22
N THR A 273 8.01 -17.51 -0.06
CA THR A 273 8.73 -16.31 0.40
C THR A 273 10.06 -16.59 1.09
N SER A 274 10.07 -17.52 2.05
CA SER A 274 11.30 -17.86 2.75
C SER A 274 12.29 -18.37 1.71
N SER A 275 11.75 -18.98 0.65
CA SER A 275 12.57 -19.50 -0.44
C SER A 275 13.20 -18.30 -1.16
N MET A 276 12.37 -17.28 -1.42
CA MET A 276 12.82 -16.06 -2.07
C MET A 276 13.83 -15.29 -1.22
N LYS A 277 13.62 -15.29 0.09
CA LYS A 277 14.54 -14.61 1.01
C LYS A 277 15.89 -15.30 0.95
N GLN A 278 15.86 -16.60 0.66
CA GLN A 278 17.08 -17.39 0.55
C GLN A 278 17.78 -17.03 -0.77
N GLY A 279 17.20 -16.08 -1.49
CA GLY A 279 17.75 -15.63 -2.75
C GLY A 279 17.73 -16.65 -3.86
N ASN A 280 16.55 -17.18 -4.17
CA ASN A 280 16.42 -18.15 -5.26
C ASN A 280 15.79 -17.49 -6.46
N THR A 281 15.56 -18.27 -7.50
CA THR A 281 14.96 -17.77 -8.72
C THR A 281 13.44 -17.78 -8.60
N LEU A 282 12.78 -17.04 -9.49
CA LEU A 282 11.32 -16.98 -9.47
C LEU A 282 10.69 -18.34 -9.73
N ASP A 283 11.19 -19.03 -10.76
CA ASP A 283 10.67 -20.33 -11.11
C ASP A 283 10.86 -21.33 -9.99
N VAL A 284 11.97 -21.21 -9.27
CA VAL A 284 12.24 -22.11 -8.14
C VAL A 284 11.20 -21.85 -7.06
N CYS A 285 11.06 -20.58 -6.68
CA CYS A 285 10.12 -20.13 -5.66
C CYS A 285 8.68 -20.44 -6.02
N LYS A 286 8.19 -19.77 -7.06
CA LYS A 286 6.84 -19.94 -7.55
C LYS A 286 6.44 -21.41 -7.63
N ARG A 287 7.41 -22.28 -7.96
CA ARG A 287 7.15 -23.70 -8.07
C ARG A 287 6.56 -24.22 -6.75
N LEU A 288 7.10 -23.71 -5.64
CA LEU A 288 6.65 -24.10 -4.30
C LEU A 288 5.21 -23.67 -4.02
N LEU A 289 4.75 -22.69 -4.77
CA LEU A 289 3.41 -22.14 -4.60
C LEU A 289 2.30 -23.03 -5.15
N PHE A 290 2.62 -23.78 -6.20
CA PHE A 290 1.63 -24.64 -6.82
C PHE A 290 1.64 -26.09 -6.36
N GLN A 291 2.70 -26.50 -5.67
CA GLN A 291 2.76 -27.89 -5.26
C GLN A 291 2.05 -28.18 -3.94
N LYS A 292 1.22 -29.21 -3.96
CA LYS A 292 0.49 -29.61 -2.76
C LYS A 292 1.51 -30.18 -1.80
N MET A 293 1.85 -29.40 -0.78
CA MET A 293 2.85 -29.82 0.18
C MET A 293 2.30 -30.79 1.23
N LYS A 294 3.22 -31.36 2.01
CA LYS A 294 2.84 -32.31 3.05
C LYS A 294 2.06 -31.61 4.14
N PRO A 295 0.88 -32.14 4.50
CA PRO A 295 0.05 -31.55 5.55
C PRO A 295 0.89 -31.28 6.80
N GLU A 296 1.17 -30.00 7.06
CA GLU A 296 1.98 -29.62 8.22
C GLU A 296 1.18 -29.93 9.48
N LYS A 297 1.82 -29.92 10.64
CA LYS A 297 1.13 -30.22 11.90
C LYS A 297 0.31 -29.04 12.43
N ASN A 298 -0.99 -29.06 12.16
CA ASN A 298 -1.90 -28.02 12.61
C ASN A 298 -1.61 -27.60 14.04
N PRO A 299 -1.23 -26.33 14.25
CA PRO A 299 -0.92 -25.80 15.57
C PRO A 299 -2.15 -25.65 16.46
N PHE A 300 -3.27 -25.24 15.86
CA PHE A 300 -4.52 -25.05 16.59
C PHE A 300 -5.59 -25.95 16.03
N LYS A 301 -5.82 -27.10 16.67
CA LYS A 301 -6.82 -28.06 16.22
C LYS A 301 -8.20 -27.80 16.84
N GLY A 302 -9.24 -28.13 16.06
CA GLY A 302 -10.61 -27.97 16.51
C GLY A 302 -11.15 -26.55 16.43
N LEU A 303 -10.35 -25.61 15.94
CA LEU A 303 -10.76 -24.22 15.82
C LEU A 303 -12.14 -24.06 15.18
N SER A 304 -12.30 -24.65 14.00
CA SER A 304 -13.56 -24.55 13.27
C SER A 304 -14.68 -25.29 13.97
N THR A 305 -14.38 -26.45 14.54
CA THR A 305 -15.39 -27.25 15.24
C THR A 305 -15.98 -26.52 16.42
N ASP A 306 -15.15 -25.72 17.09
CA ASP A 306 -15.62 -24.96 18.23
C ASP A 306 -16.54 -23.85 17.73
N ARG A 307 -16.01 -22.98 16.88
CA ARG A 307 -16.77 -21.87 16.34
C ARG A 307 -18.11 -22.32 15.79
N LYS A 308 -18.12 -23.52 15.21
CA LYS A 308 -19.33 -24.08 14.66
C LYS A 308 -20.38 -24.31 15.75
N MET A 309 -19.98 -25.00 16.83
CA MET A 309 -20.87 -25.28 17.95
C MET A 309 -21.35 -23.99 18.62
N ASP A 310 -20.45 -23.01 18.68
CA ASP A 310 -20.77 -21.72 19.27
C ASP A 310 -21.98 -21.19 18.53
N GLU A 311 -21.87 -21.18 17.19
CA GLU A 311 -22.95 -20.72 16.33
C GLU A 311 -24.26 -21.41 16.68
N VAL A 312 -24.25 -22.73 16.60
CA VAL A 312 -25.42 -23.54 16.88
C VAL A 312 -26.11 -23.19 18.18
N SER A 313 -25.40 -22.52 19.09
CA SER A 313 -25.96 -22.16 20.39
C SER A 313 -26.14 -20.66 20.62
P PO4 B . -10.08 -28.19 12.67
O1 PO4 B . -11.45 -28.50 13.17
O2 PO4 B . -9.84 -26.72 12.76
O3 PO4 B . -9.09 -28.90 13.50
O4 PO4 B . -9.95 -28.63 11.26
PG ANP C . 1.58 -3.52 2.56
O1G ANP C . 0.55 -2.43 2.67
O2G ANP C . 0.89 -5.00 2.50
O3G ANP C . 2.59 -3.45 3.82
PB ANP C . 2.26 -2.49 -0.33
O1B ANP C . 1.75 -1.12 -0.11
O2B ANP C . 3.65 -2.42 -1.11
N3B ANP C . 2.43 -3.25 1.20
PA ANP C . 0.28 -2.71 -2.46
O1A ANP C . -0.99 -3.51 -2.67
O2A ANP C . -0.17 -1.17 -2.16
O3A ANP C . 1.14 -3.36 -1.18
O5' ANP C . 1.16 -2.87 -3.83
C5' ANP C . 1.42 -1.66 -4.40
C4' ANP C . 0.83 -1.49 -5.79
O4' ANP C . 1.24 -2.58 -6.67
C3' ANP C . -0.72 -1.52 -5.76
O3' ANP C . -1.29 -0.21 -5.53
C2' ANP C . -1.09 -2.25 -7.12
O2' ANP C . -1.97 -1.53 -7.99
C1' ANP C . 0.28 -2.57 -7.77
#